data_5LF8
#
_entry.id   5LF8
#
_cell.length_a   151.913
_cell.length_b   151.913
_cell.length_c   81.495
_cell.angle_alpha   90.00
_cell.angle_beta   90.00
_cell.angle_gamma   120.00
#
_symmetry.space_group_name_H-M   'H 3 2'
#
loop_
_entity.id
_entity.type
_entity.pdbx_description
1 polymer 'Nucleoside diphosphate-linked moiety X motif 17'
2 non-polymer 'PHOSPHATE ION'
3 non-polymer 'ETHYL MERCURY ION'
4 water water
#
_entity_poly.entity_id   1
_entity_poly.type   'polypeptide(L)'
_entity_poly.pdbx_seq_one_letter_code
;MAEVRVQLLLSRRPESVSFARSVCGLLGAGPGLGTWPIHCSLKRGRLVLSSRPFPGASARLPLQRPPFCPFAALEERPRV
PGAELPTDRGVDLGVAVILQSSDKTVLLTRRARTLSVSPNLWVPPGGHVELEEELLDGGLRELWEESGLHLPQGQFSWVP
LGLWESAYPPRLSWGLPKYHHIVLYLLVISQESQQQLQARIQPNPNEVSALMWLTPDVAAAVAAAEDGTETPGLLPQDLP
PSVLAVELEEDGRARPLVLHMSTLLRMIPTMAEDKERVSTGTKFALKLWLQHLGRTPPPCKSAAYLDPGPAKEEWNMDPL
PPNQGSGK
;
_entity_poly.pdbx_strand_id   A
#
# COMPACT_ATOMS: atom_id res chain seq x y z
N VAL A 4 8.53 -0.94 -14.50
CA VAL A 4 8.39 -2.38 -14.09
C VAL A 4 6.92 -2.88 -14.24
N ARG A 5 6.75 -4.06 -14.85
CA ARG A 5 5.43 -4.60 -15.21
C ARG A 5 5.07 -5.92 -14.45
N VAL A 6 3.93 -6.51 -14.84
CA VAL A 6 3.33 -7.61 -14.14
C VAL A 6 2.86 -8.70 -15.12
N GLN A 7 3.27 -9.94 -14.82
CA GLN A 7 2.97 -11.11 -15.65
C GLN A 7 2.41 -12.24 -14.86
N LEU A 8 1.58 -13.04 -15.52
CA LEU A 8 0.87 -14.14 -14.89
C LEU A 8 1.28 -15.51 -15.50
N LEU A 9 1.48 -16.52 -14.66
CA LEU A 9 1.80 -17.85 -15.11
C LEU A 9 0.48 -18.55 -14.97
N LEU A 10 -0.33 -18.43 -16.01
CA LEU A 10 -1.62 -19.13 -16.08
C LEU A 10 -1.34 -20.52 -16.60
N SER A 11 -0.49 -20.60 -17.63
CA SER A 11 0.11 -21.86 -18.08
C SER A 11 1.45 -22.09 -17.29
N ARG A 12 2.49 -22.56 -17.98
CA ARG A 12 3.84 -22.60 -17.42
C ARG A 12 4.78 -21.64 -18.13
N ARG A 13 4.25 -20.78 -19.01
CA ARG A 13 5.07 -19.80 -19.72
C ARG A 13 4.36 -18.42 -19.64
N PRO A 14 4.97 -17.45 -18.94
CA PRO A 14 4.26 -16.23 -18.54
C PRO A 14 3.81 -15.33 -19.67
N GLU A 15 2.88 -14.45 -19.35
CA GLU A 15 2.26 -13.52 -20.28
C GLU A 15 1.97 -12.20 -19.57
N SER A 16 2.05 -11.11 -20.33
CA SER A 16 1.69 -9.80 -19.84
C SER A 16 0.17 -9.72 -19.76
N VAL A 17 -0.32 -8.80 -18.92
CA VAL A 17 -1.75 -8.63 -18.68
C VAL A 17 -2.14 -7.39 -19.42
N SER A 18 -3.34 -7.43 -20.00
CA SER A 18 -3.78 -6.53 -21.06
C SER A 18 -4.26 -5.13 -20.66
N PHE A 19 -4.25 -4.82 -19.35
CA PHE A 19 -4.68 -3.51 -18.74
C PHE A 19 -6.16 -3.49 -18.38
N ALA A 20 -7.01 -3.83 -19.34
CA ALA A 20 -8.44 -3.95 -19.07
C ALA A 20 -8.76 -5.12 -18.16
N ARG A 21 -7.99 -6.19 -18.23
CA ARG A 21 -8.29 -7.41 -17.47
C ARG A 21 -8.13 -7.28 -15.92
N SER A 22 -8.99 -7.96 -15.18
CA SER A 22 -8.83 -8.11 -13.74
C SER A 22 -7.78 -9.19 -13.50
N VAL A 23 -6.60 -8.77 -13.04
CA VAL A 23 -5.58 -9.72 -12.58
C VAL A 23 -6.23 -10.68 -11.58
N CYS A 24 -6.85 -10.10 -10.55
CA CYS A 24 -7.58 -10.88 -9.56
C CYS A 24 -8.42 -11.97 -10.25
N GLY A 25 -9.25 -11.55 -11.20
CA GLY A 25 -10.14 -12.49 -11.93
C GLY A 25 -9.43 -13.62 -12.63
N LEU A 26 -8.36 -13.28 -13.36
CA LEU A 26 -7.54 -14.28 -14.09
C LEU A 26 -6.91 -15.30 -13.19
N LEU A 27 -6.58 -14.89 -11.96
CA LEU A 27 -5.95 -15.78 -11.00
C LEU A 27 -6.93 -16.60 -10.16
N GLY A 28 -8.13 -16.06 -9.88
CA GLY A 28 -9.15 -16.74 -9.09
C GLY A 28 -9.87 -17.81 -9.88
N LEU A 33 -13.84 -10.87 -4.89
CA LEU A 33 -13.14 -9.77 -4.18
C LEU A 33 -11.70 -10.16 -3.65
N GLY A 34 -11.31 -11.43 -3.77
CA GLY A 34 -10.03 -11.89 -3.27
C GLY A 34 -9.72 -13.35 -3.57
N THR A 35 -8.42 -13.65 -3.62
CA THR A 35 -7.89 -14.94 -4.08
C THR A 35 -6.65 -15.27 -3.23
N TRP A 36 -6.41 -16.56 -2.95
CA TRP A 36 -5.34 -17.00 -2.02
C TRP A 36 -5.16 -18.49 -2.11
N PRO A 37 -3.92 -18.99 -1.99
CA PRO A 37 -2.71 -18.21 -2.02
C PRO A 37 -2.27 -17.92 -3.45
N ILE A 38 -1.63 -16.76 -3.61
CA ILE A 38 -0.98 -16.36 -4.85
C ILE A 38 0.55 -16.42 -4.71
N HIS A 39 1.19 -17.19 -5.60
CA HIS A 39 2.62 -17.41 -5.57
C HIS A 39 3.25 -16.32 -6.38
N CYS A 40 4.34 -15.72 -5.88
CA CYS A 40 5.03 -14.68 -6.64
C CYS A 40 6.50 -14.54 -6.43
N SER A 41 7.08 -13.89 -7.42
CA SER A 41 8.47 -13.55 -7.48
C SER A 41 8.49 -12.12 -8.00
N LEU A 42 9.34 -11.30 -7.38
CA LEU A 42 9.73 -9.98 -7.87
C LEU A 42 11.20 -10.11 -8.07
N LYS A 43 11.65 -9.88 -9.31
CA LYS A 43 13.05 -10.00 -9.63
C LYS A 43 13.33 -9.29 -10.95
N ARG A 46 10.06 -7.55 -13.51
CA ARG A 46 8.91 -8.43 -13.57
C ARG A 46 8.49 -8.88 -12.15
N LEU A 47 7.25 -8.58 -11.78
CA LEU A 47 6.57 -9.28 -10.71
C LEU A 47 5.85 -10.41 -11.39
N VAL A 48 5.99 -11.64 -10.89
CA VAL A 48 5.29 -12.79 -11.46
C VAL A 48 4.27 -13.37 -10.47
N LEU A 49 3.06 -13.62 -10.95
CA LEU A 49 1.97 -14.12 -10.13
C LEU A 49 1.40 -15.36 -10.73
N SER A 50 1.11 -16.31 -9.86
CA SER A 50 0.39 -17.49 -10.26
C SER A 50 -0.37 -18.05 -9.06
N SER A 51 -1.60 -18.48 -9.33
CA SER A 51 -2.34 -19.36 -8.42
C SER A 51 -1.61 -20.67 -8.10
N ARG A 52 -0.74 -21.13 -9.02
CA ARG A 52 0.10 -22.32 -8.77
C ARG A 52 1.57 -21.98 -8.46
N PRO A 53 2.23 -22.79 -7.61
CA PRO A 53 3.67 -22.60 -7.38
C PRO A 53 4.50 -22.75 -8.64
N PHE A 54 5.70 -22.17 -8.66
CA PHE A 54 6.61 -22.22 -9.81
C PHE A 54 8.03 -22.05 -9.30
N PRO A 55 9.05 -22.58 -10.04
CA PRO A 55 10.44 -22.60 -9.57
C PRO A 55 10.94 -21.25 -9.04
N GLY A 56 10.68 -20.16 -9.74
CA GLY A 56 11.07 -18.85 -9.23
C GLY A 56 10.48 -18.30 -7.91
N ALA A 57 9.33 -18.81 -7.46
CA ALA A 57 8.49 -18.06 -6.51
C ALA A 57 9.06 -18.00 -5.10
N SER A 58 9.03 -16.79 -4.50
CA SER A 58 9.56 -16.52 -3.13
C SER A 58 8.51 -16.31 -2.04
N ALA A 59 7.24 -16.17 -2.38
CA ALA A 59 6.20 -15.98 -1.37
C ALA A 59 4.81 -16.49 -1.82
N ARG A 60 3.98 -16.88 -0.84
CA ARG A 60 2.55 -17.18 -1.04
C ARG A 60 1.75 -16.07 -0.32
N LEU A 61 1.02 -15.25 -1.09
CA LEU A 61 0.43 -14.04 -0.57
C LEU A 61 -1.06 -14.01 -0.86
N PRO A 62 -1.82 -13.23 -0.06
CA PRO A 62 -3.19 -12.87 -0.44
C PRO A 62 -3.22 -11.75 -1.49
N LEU A 63 -4.05 -11.93 -2.50
CA LEU A 63 -4.39 -10.88 -3.50
C LEU A 63 -5.86 -10.43 -3.31
N GLN A 64 -6.09 -9.13 -3.17
CA GLN A 64 -7.45 -8.59 -3.15
C GLN A 64 -7.63 -7.39 -4.03
N ARG A 65 -8.89 -7.14 -4.36
CA ARG A 65 -9.33 -5.96 -5.08
C ARG A 65 -10.44 -5.35 -4.24
N PRO A 66 -10.68 -4.02 -4.41
CA PRO A 66 -11.82 -3.41 -3.75
C PRO A 66 -13.11 -3.88 -4.42
N PRO A 67 -14.23 -3.85 -3.68
CA PRO A 67 -15.51 -4.29 -4.30
C PRO A 67 -15.87 -3.42 -5.51
N PHE A 68 -15.51 -2.14 -5.43
CA PHE A 68 -15.69 -1.19 -6.54
C PHE A 68 -14.61 -1.20 -7.65
N CYS A 69 -13.86 -2.31 -7.83
CA CYS A 69 -12.83 -2.39 -8.86
C CYS A 69 -13.40 -2.11 -10.25
N PRO A 70 -12.77 -1.20 -11.03
CA PRO A 70 -13.30 -0.95 -12.39
C PRO A 70 -13.16 -2.12 -13.35
N PHE A 71 -12.09 -2.90 -13.19
CA PHE A 71 -11.77 -4.00 -14.12
C PHE A 71 -12.67 -5.20 -13.88
N ALA A 72 -12.96 -5.48 -12.61
CA ALA A 72 -13.93 -6.53 -12.30
C ALA A 72 -15.33 -6.15 -12.80
N ALA A 73 -15.69 -4.86 -12.74
CA ALA A 73 -16.97 -4.37 -13.34
C ALA A 73 -17.08 -4.70 -14.83
N LEU A 74 -16.08 -4.29 -15.60
CA LEU A 74 -16.13 -4.45 -17.05
C LEU A 74 -16.14 -5.90 -17.55
N GLU A 75 -15.59 -6.84 -16.78
CA GLU A 75 -15.64 -8.27 -17.17
C GLU A 75 -17.03 -8.91 -16.88
N THR A 87 -5.52 1.03 -23.57
CA THR A 87 -4.84 -0.16 -24.11
C THR A 87 -3.55 0.17 -24.91
N ASP A 88 -3.05 1.41 -24.80
CA ASP A 88 -1.65 1.75 -25.09
C ASP A 88 -0.76 1.68 -23.83
N ARG A 89 -1.22 0.97 -22.78
CA ARG A 89 -0.59 0.92 -21.45
C ARG A 89 -0.63 -0.53 -20.89
N GLY A 90 -0.06 -0.70 -19.70
CA GLY A 90 -0.05 -2.00 -19.01
C GLY A 90 -0.34 -1.88 -17.53
N VAL A 91 -0.03 -2.95 -16.81
CA VAL A 91 -0.27 -3.05 -15.37
C VAL A 91 1.02 -2.71 -14.62
N ASP A 92 1.11 -1.47 -14.14
CA ASP A 92 2.21 -1.06 -13.25
C ASP A 92 2.30 -1.88 -11.93
N LEU A 93 3.38 -1.65 -11.19
CA LEU A 93 3.68 -2.34 -9.97
C LEU A 93 4.16 -1.29 -8.99
N GLY A 94 3.52 -1.26 -7.82
CA GLY A 94 3.90 -0.38 -6.74
C GLY A 94 4.29 -1.20 -5.52
N VAL A 95 5.05 -0.55 -4.65
CA VAL A 95 5.36 -1.09 -3.35
C VAL A 95 4.89 -0.06 -2.29
N ALA A 96 4.45 -0.55 -1.13
CA ALA A 96 4.17 0.32 0.00
C ALA A 96 4.52 -0.37 1.32
N VAL A 97 4.98 0.42 2.28
CA VAL A 97 5.64 -0.13 3.47
C VAL A 97 4.87 0.17 4.76
N ILE A 98 4.64 -0.88 5.54
CA ILE A 98 3.97 -0.77 6.81
C ILE A 98 5.06 -0.94 7.82
N LEU A 99 5.45 0.17 8.41
CA LEU A 99 6.58 0.20 9.34
C LEU A 99 6.12 -0.02 10.78
N GLN A 100 6.34 -1.21 11.34
CA GLN A 100 6.00 -1.47 12.76
C GLN A 100 7.12 -1.15 13.74
N SER A 101 6.82 -0.39 14.79
CA SER A 101 7.77 -0.05 15.89
C SER A 101 7.87 -1.15 16.92
N SER A 102 8.90 -1.07 17.76
CA SER A 102 9.05 -2.00 18.92
C SER A 102 7.76 -2.04 19.75
N ASP A 103 7.02 -0.92 19.75
CA ASP A 103 5.75 -0.77 20.47
C ASP A 103 4.51 -1.24 19.70
N LYS A 104 4.68 -2.01 18.61
CA LYS A 104 3.55 -2.52 17.84
C LYS A 104 2.65 -1.37 17.30
N THR A 105 3.29 -0.31 16.79
CA THR A 105 2.54 0.77 16.13
C THR A 105 3.07 1.02 14.73
N VAL A 106 2.19 1.44 13.82
CA VAL A 106 2.57 1.60 12.41
C VAL A 106 2.47 3.04 11.98
N LEU A 107 3.37 3.46 11.09
CA LEU A 107 3.36 4.83 10.54
C LEU A 107 2.39 4.97 9.38
N LEU A 108 1.60 6.03 9.33
CA LEU A 108 0.91 6.40 8.09
C LEU A 108 1.30 7.81 7.70
N THR A 109 1.05 8.14 6.44
CA THR A 109 1.39 9.44 5.91
C THR A 109 0.20 9.90 5.16
N ARG A 110 -0.19 11.14 5.40
CA ARG A 110 -1.19 11.81 4.59
C ARG A 110 -0.39 12.33 3.42
N ARG A 111 -0.84 12.01 2.20
CA ARG A 111 -0.21 12.55 1.00
C ARG A 111 -0.29 14.07 1.02
N ALA A 112 0.67 14.71 0.36
CA ALA A 112 0.80 16.17 0.41
C ALA A 112 -0.49 16.89 -0.01
N ARG A 113 -0.76 17.99 0.70
CA ARG A 113 -1.92 18.84 0.44
C ARG A 113 -1.84 19.35 -1.00
N THR A 114 -0.60 19.63 -1.44
CA THR A 114 -0.25 20.13 -2.78
C THR A 114 -0.67 19.25 -4.00
N LEU A 115 -1.79 18.53 -3.91
CA LEU A 115 -2.62 18.14 -5.06
C LEU A 115 -2.07 17.06 -6.03
N SER A 116 -2.92 16.72 -7.00
CA SER A 116 -2.60 15.85 -8.16
C SER A 116 -2.42 14.38 -7.78
N VAL A 117 -3.35 13.53 -8.23
CA VAL A 117 -3.36 12.09 -7.93
C VAL A 117 -3.49 11.76 -6.43
N SER A 118 -4.73 11.79 -5.93
CA SER A 118 -5.12 11.24 -4.60
C SER A 118 -4.62 12.05 -3.39
N PRO A 119 -4.85 13.37 -3.37
CA PRO A 119 -4.35 14.20 -2.24
C PRO A 119 -5.14 14.05 -0.93
N ASN A 120 -4.46 14.23 0.20
CA ASN A 120 -5.00 13.94 1.54
C ASN A 120 -5.34 12.47 1.85
N LEU A 121 -4.87 11.49 1.06
CA LEU A 121 -5.04 10.12 1.46
C LEU A 121 -4.01 9.78 2.50
N TRP A 122 -4.47 9.24 3.63
CA TRP A 122 -3.62 8.51 4.53
C TRP A 122 -3.36 7.16 3.85
N VAL A 123 -2.08 6.94 3.59
CA VAL A 123 -1.55 5.69 3.00
C VAL A 123 -0.20 5.38 3.67
N PRO A 124 0.25 4.10 3.65
CA PRO A 124 1.63 3.89 4.11
C PRO A 124 2.57 4.40 3.00
N PRO A 125 3.77 4.84 3.36
CA PRO A 125 4.67 5.34 2.34
C PRO A 125 5.01 4.26 1.28
N GLY A 126 5.12 4.70 0.03
CA GLY A 126 5.10 3.81 -1.10
C GLY A 126 5.12 4.55 -2.42
N GLY A 127 5.24 3.80 -3.50
CA GLY A 127 5.20 4.34 -4.85
C GLY A 127 5.70 3.38 -5.90
N HIS A 128 6.14 3.93 -7.04
CA HIS A 128 6.54 3.12 -8.20
C HIS A 128 7.78 2.28 -7.88
N VAL A 129 7.74 0.97 -8.18
CA VAL A 129 8.94 0.12 -8.13
C VAL A 129 9.81 0.43 -9.35
N GLU A 130 11.10 0.70 -9.08
CA GLU A 130 11.96 1.58 -9.90
C GLU A 130 12.24 1.08 -11.33
N LEU A 131 12.78 -0.13 -11.43
CA LEU A 131 13.34 -0.71 -12.66
C LEU A 131 14.63 -1.33 -12.21
N GLU A 132 14.71 -2.65 -12.27
CA GLU A 132 15.87 -3.39 -11.81
C GLU A 132 16.13 -3.40 -10.30
N GLU A 133 15.37 -2.64 -9.50
CA GLU A 133 15.56 -2.66 -8.03
C GLU A 133 14.79 -3.84 -7.40
N GLU A 134 15.36 -4.40 -6.35
CA GLU A 134 14.67 -5.39 -5.56
C GLU A 134 13.55 -4.74 -4.74
N LEU A 135 12.65 -5.57 -4.20
CA LEU A 135 11.44 -5.10 -3.50
C LEU A 135 11.79 -4.40 -2.19
N LEU A 136 12.62 -5.02 -1.36
CA LEU A 136 12.91 -4.40 -0.06
C LEU A 136 13.56 -3.03 -0.26
N ASP A 137 14.40 -2.92 -1.29
CA ASP A 137 15.05 -1.64 -1.67
C ASP A 137 14.09 -0.57 -2.15
N GLY A 138 13.01 -0.97 -2.83
CA GLY A 138 11.97 -0.04 -3.26
C GLY A 138 11.20 0.50 -2.07
N GLY A 139 10.88 -0.39 -1.15
CA GLY A 139 10.19 -0.02 0.06
C GLY A 139 11.07 0.90 0.87
N LEU A 140 12.11 0.32 1.47
CA LEU A 140 13.11 1.04 2.30
C LEU A 140 13.50 2.40 1.74
N ARG A 141 13.52 2.54 0.41
CA ARG A 141 13.78 3.83 -0.27
C ARG A 141 12.62 4.80 -0.18
N GLU A 142 11.44 4.32 -0.61
CA GLU A 142 10.17 5.09 -0.57
C GLU A 142 9.82 5.56 0.84
N LEU A 143 10.04 4.68 1.81
CA LEU A 143 10.00 5.06 3.21
C LEU A 143 10.86 6.28 3.44
N TRP A 144 12.12 6.17 3.07
CA TRP A 144 13.10 7.25 3.22
C TRP A 144 12.77 8.48 2.38
N GLU A 145 12.36 8.32 1.11
CA GLU A 145 12.01 9.50 0.28
C GLU A 145 10.86 10.33 0.91
N GLU A 146 10.05 9.70 1.76
CA GLU A 146 8.86 10.32 2.38
C GLU A 146 9.04 10.72 3.84
N SER A 147 9.60 9.83 4.63
CA SER A 147 9.83 10.04 6.06
C SER A 147 11.26 10.41 6.46
N GLY A 148 12.24 10.17 5.59
CA GLY A 148 13.65 10.26 5.93
C GLY A 148 14.06 9.33 7.07
N LEU A 149 13.33 8.24 7.28
CA LEU A 149 13.83 7.19 8.13
C LEU A 149 14.71 6.29 7.27
N HIS A 150 15.96 6.17 7.70
CA HIS A 150 16.95 5.25 7.17
C HIS A 150 17.01 4.17 8.26
N LEU A 151 16.87 2.91 7.86
CA LEU A 151 16.91 1.82 8.83
C LEU A 151 18.31 1.19 8.88
N PRO A 152 18.90 1.10 10.08
CA PRO A 152 20.25 0.55 10.22
C PRO A 152 20.25 -0.96 10.14
N GLN A 153 21.24 -1.49 9.42
CA GLN A 153 21.41 -2.93 9.22
C GLN A 153 21.24 -3.70 10.54
N GLY A 154 20.58 -4.83 10.48
CA GLY A 154 20.38 -5.66 11.66
C GLY A 154 19.43 -5.14 12.72
N GLN A 155 18.86 -3.94 12.52
CA GLN A 155 17.88 -3.39 13.44
C GLN A 155 16.42 -3.45 12.90
N PHE A 156 16.14 -4.37 11.98
CA PHE A 156 14.78 -4.64 11.48
C PHE A 156 14.62 -5.93 10.69
N SER A 157 13.54 -6.66 10.92
CA SER A 157 13.11 -7.73 10.00
C SER A 157 12.03 -7.22 9.03
N TRP A 158 11.68 -8.05 8.06
CA TRP A 158 10.63 -7.72 7.12
C TRP A 158 9.99 -8.94 6.51
N VAL A 159 8.71 -8.82 6.22
CA VAL A 159 7.96 -9.88 5.63
C VAL A 159 6.99 -9.24 4.63
N PRO A 160 6.79 -9.89 3.46
CA PRO A 160 5.75 -9.41 2.55
C PRO A 160 4.35 -9.79 3.08
N LEU A 161 3.38 -8.88 2.94
CA LEU A 161 2.05 -9.02 3.54
C LEU A 161 1.02 -9.43 2.51
N GLY A 162 0.90 -8.64 1.43
CA GLY A 162 -0.01 -8.98 0.36
C GLY A 162 0.03 -8.13 -0.90
N LEU A 163 -0.96 -8.40 -1.76
CA LEU A 163 -1.08 -7.82 -3.08
C LEU A 163 -2.47 -7.24 -3.23
N TRP A 164 -2.52 -6.05 -3.79
CA TRP A 164 -3.74 -5.27 -3.85
C TRP A 164 -3.90 -4.65 -5.24
N GLU A 165 -4.89 -5.07 -5.98
CA GLU A 165 -5.11 -4.52 -7.34
C GLU A 165 -5.88 -3.24 -7.22
N SER A 166 -5.33 -2.12 -7.68
CA SER A 166 -6.06 -0.83 -7.64
C SER A 166 -5.98 -0.01 -8.94
N ALA A 167 -6.68 1.13 -8.96
CA ALA A 167 -6.74 2.06 -10.12
C ALA A 167 -6.77 3.52 -9.65
N TYR A 168 -6.31 4.42 -10.53
CA TYR A 168 -6.69 5.84 -10.48
C TYR A 168 -7.30 6.10 -11.86
N PRO A 169 -8.50 6.68 -11.96
CA PRO A 169 -9.37 6.93 -10.82
C PRO A 169 -9.89 5.61 -10.23
N PRO A 170 -10.17 5.59 -8.90
CA PRO A 170 -10.50 4.40 -8.11
C PRO A 170 -11.61 3.53 -8.64
N ARG A 171 -12.60 4.11 -9.30
CA ARG A 171 -13.74 3.31 -9.77
C ARG A 171 -14.56 4.02 -10.83
N LEU A 172 -15.38 3.24 -11.53
CA LEU A 172 -16.14 3.71 -12.71
C LEU A 172 -16.88 5.02 -12.42
N SER A 173 -17.51 5.12 -11.26
CA SER A 173 -18.12 6.38 -10.74
C SER A 173 -17.27 7.68 -10.74
N TRP A 174 -15.99 7.57 -11.06
CA TRP A 174 -15.08 8.72 -11.03
C TRP A 174 -14.43 8.91 -12.42
N GLY A 175 -14.85 8.12 -13.40
CA GLY A 175 -14.15 8.01 -14.66
C GLY A 175 -13.72 6.59 -14.96
N LEU A 176 -13.45 6.36 -16.24
CA LEU A 176 -12.78 5.16 -16.68
C LEU A 176 -11.33 5.25 -16.14
N PRO A 177 -10.72 4.11 -15.74
CA PRO A 177 -9.38 4.14 -15.12
C PRO A 177 -8.22 4.48 -16.07
N LYS A 178 -7.38 5.43 -15.68
CA LYS A 178 -6.07 5.70 -16.33
C LYS A 178 -5.04 4.67 -15.83
N TYR A 179 -4.47 4.88 -14.64
CA TYR A 179 -3.51 3.94 -14.01
C TYR A 179 -4.10 2.57 -13.61
N HIS A 180 -3.27 1.53 -13.66
CA HIS A 180 -3.62 0.16 -13.20
C HIS A 180 -2.38 -0.46 -12.55
N HIS A 181 -2.42 -0.63 -11.22
CA HIS A 181 -1.33 -1.19 -10.43
C HIS A 181 -1.67 -2.54 -9.82
N ILE A 182 -0.61 -3.27 -9.46
CA ILE A 182 -0.65 -4.24 -8.37
C ILE A 182 0.28 -3.62 -7.35
N VAL A 183 -0.21 -3.51 -6.12
CA VAL A 183 0.55 -2.93 -5.05
C VAL A 183 0.96 -4.07 -4.16
N LEU A 184 2.25 -4.15 -3.86
CA LEU A 184 2.75 -5.09 -2.89
C LEU A 184 3.03 -4.37 -1.60
N TYR A 185 2.30 -4.72 -0.54
CA TYR A 185 2.58 -4.17 0.79
C TYR A 185 3.61 -5.03 1.49
N LEU A 186 4.67 -4.39 1.99
CA LEU A 186 5.64 -5.02 2.92
C LEU A 186 5.38 -4.59 4.35
N LEU A 187 5.63 -5.50 5.29
CA LEU A 187 5.71 -5.19 6.73
C LEU A 187 7.17 -5.15 7.19
N VAL A 188 7.72 -3.96 7.42
CA VAL A 188 9.07 -3.80 7.99
C VAL A 188 8.98 -3.66 9.52
N ILE A 189 9.42 -4.68 10.25
CA ILE A 189 9.25 -4.75 11.73
C ILE A 189 10.52 -4.26 12.43
N SER A 190 10.49 -3.04 12.95
CA SER A 190 11.69 -2.46 13.58
C SER A 190 11.83 -2.90 15.03
N GLN A 191 13.09 -2.99 15.47
CA GLN A 191 13.45 -3.25 16.87
C GLN A 191 13.52 -1.97 17.71
N GLU A 192 13.37 -0.80 17.06
CA GLU A 192 13.38 0.50 17.74
C GLU A 192 11.99 0.90 18.26
N SER A 193 11.97 1.74 19.28
CA SER A 193 10.71 2.25 19.82
C SER A 193 10.14 3.29 18.87
N GLN A 194 8.84 3.56 19.01
CA GLN A 194 8.20 4.69 18.33
C GLN A 194 8.82 6.02 18.75
N GLN A 195 9.11 6.17 20.05
CA GLN A 195 9.81 7.34 20.57
C GLN A 195 11.11 7.51 19.78
N GLN A 196 11.95 6.48 19.82
CA GLN A 196 13.25 6.47 19.13
C GLN A 196 13.13 6.76 17.61
N LEU A 197 12.10 6.17 16.99
CA LEU A 197 11.86 6.34 15.55
C LEU A 197 11.35 7.74 15.19
N GLN A 198 10.30 8.21 15.89
CA GLN A 198 9.70 9.53 15.65
C GLN A 198 10.70 10.67 15.83
N ALA A 199 11.62 10.47 16.79
CA ALA A 199 12.74 11.36 17.00
C ALA A 199 13.45 11.67 15.69
N ARG A 200 14.01 10.63 15.06
CA ARG A 200 14.83 10.81 13.84
C ARG A 200 14.07 10.98 12.51
N ILE A 201 12.74 11.12 12.58
CA ILE A 201 11.88 11.39 11.42
C ILE A 201 12.06 12.83 10.95
N GLN A 202 12.05 13.00 9.63
CA GLN A 202 12.33 14.26 8.98
C GLN A 202 11.60 14.24 7.66
N PRO A 203 10.29 14.50 7.67
CA PRO A 203 9.52 14.28 6.44
C PRO A 203 9.75 15.33 5.39
N ASN A 204 9.22 15.08 4.20
CA ASN A 204 9.34 15.97 3.08
C ASN A 204 7.98 16.62 2.97
N PRO A 205 7.91 17.96 3.17
CA PRO A 205 6.68 18.77 3.00
C PRO A 205 5.99 18.65 1.64
N ASN A 206 6.78 18.50 0.59
CA ASN A 206 6.23 18.44 -0.77
C ASN A 206 5.52 17.12 -1.05
N GLU A 207 5.94 16.03 -0.39
CA GLU A 207 5.38 14.70 -0.65
C GLU A 207 4.33 14.27 0.40
N VAL A 208 4.56 14.61 1.66
CA VAL A 208 3.60 14.35 2.74
C VAL A 208 3.31 15.61 3.55
N SER A 209 2.03 15.77 3.92
CA SER A 209 1.58 16.84 4.79
C SER A 209 1.29 16.41 6.23
N ALA A 210 1.24 15.10 6.51
CA ALA A 210 1.02 14.63 7.88
C ALA A 210 1.49 13.20 8.13
N LEU A 211 1.94 12.94 9.36
CA LEU A 211 2.36 11.62 9.82
C LEU A 211 1.59 11.23 11.10
N MET A 212 1.24 9.95 11.24
CA MET A 212 0.63 9.45 12.45
C MET A 212 1.05 8.00 12.75
N TRP A 213 1.00 7.61 14.02
CA TRP A 213 1.21 6.22 14.41
C TRP A 213 -0.07 5.56 14.87
N LEU A 214 -0.32 4.33 14.43
CA LEU A 214 -1.52 3.56 14.78
C LEU A 214 -1.24 2.41 15.74
N THR A 215 -2.04 2.31 16.80
CA THR A 215 -2.09 1.11 17.62
C THR A 215 -2.90 0.01 16.93
N PRO A 216 -2.83 -1.22 17.45
CA PRO A 216 -3.70 -2.25 16.91
C PRO A 216 -5.18 -1.94 17.04
N ASP A 217 -5.62 -1.42 18.19
CA ASP A 217 -7.07 -1.18 18.40
C ASP A 217 -7.63 -0.12 17.44
N VAL A 218 -6.84 0.93 17.17
CA VAL A 218 -7.25 1.96 16.21
C VAL A 218 -7.23 1.38 14.81
N ALA A 219 -6.21 0.56 14.52
CA ALA A 219 -6.06 -0.08 13.23
C ALA A 219 -7.17 -1.09 13.00
N ALA A 220 -7.40 -1.94 13.98
CA ALA A 220 -8.58 -2.79 14.00
C ALA A 220 -9.89 -2.08 13.63
N ALA A 221 -10.06 -0.88 14.16
CA ALA A 221 -11.25 -0.10 13.88
C ALA A 221 -11.20 0.41 12.41
N VAL A 222 -10.13 1.10 12.03
CA VAL A 222 -9.92 1.55 10.65
C VAL A 222 -10.06 0.43 9.61
N ALA A 223 -9.55 -0.76 9.97
CA ALA A 223 -9.53 -1.93 9.07
C ALA A 223 -10.88 -2.53 8.84
N ALA A 224 -11.72 -2.52 9.88
CA ALA A 224 -13.04 -3.13 9.85
C ALA A 224 -14.13 -2.08 9.77
N LEU A 235 -11.70 4.91 21.77
CA LEU A 235 -10.88 6.14 21.79
C LEU A 235 -11.31 7.06 20.63
N PRO A 236 -11.71 8.33 20.91
CA PRO A 236 -12.37 9.14 19.85
C PRO A 236 -11.43 9.93 18.96
N GLN A 237 -10.16 10.02 19.32
CA GLN A 237 -9.23 10.89 18.62
C GLN A 237 -7.81 10.39 18.78
N ASP A 238 -6.97 10.60 17.75
CA ASP A 238 -5.56 10.17 17.75
C ASP A 238 -4.65 11.36 17.39
N LEU A 239 -3.46 11.42 18.00
CA LEU A 239 -2.43 12.43 17.63
C LEU A 239 -1.66 12.01 16.35
N PRO A 241 1.46 15.08 13.88
CA PRO A 241 1.64 16.42 13.39
C PRO A 241 1.23 16.64 11.94
N SER A 242 0.81 17.88 11.65
CA SER A 242 0.68 18.44 10.31
C SER A 242 1.98 19.23 10.05
N VAL A 243 2.18 19.65 8.80
CA VAL A 243 3.46 20.21 8.37
C VAL A 243 3.22 21.40 7.44
N ARG A 253 7.50 24.06 9.94
CA ARG A 253 7.84 22.99 10.88
C ARG A 253 6.58 22.23 11.38
N ALA A 254 6.66 21.64 12.58
CA ALA A 254 5.76 20.57 13.00
C ALA A 254 4.63 21.08 13.91
N ARG A 255 3.44 21.28 13.32
CA ARG A 255 2.23 21.67 14.05
C ARG A 255 1.45 20.42 14.51
N PRO A 256 1.15 20.28 15.84
CA PRO A 256 0.31 19.15 16.29
C PRO A 256 -1.13 19.14 15.72
N LEU A 257 -1.72 17.94 15.66
CA LEU A 257 -3.02 17.68 15.03
C LEU A 257 -3.76 16.57 15.75
N VAL A 258 -5.05 16.79 15.98
CA VAL A 258 -5.95 15.82 16.57
C VAL A 258 -6.72 15.30 15.37
N LEU A 259 -6.47 14.05 14.95
CA LEU A 259 -7.26 13.39 13.88
C LEU A 259 -8.38 12.58 14.58
N HIS A 260 -9.60 12.74 14.07
CA HIS A 260 -10.83 12.30 14.73
C HIS A 260 -11.27 11.00 14.12
N MET A 261 -11.63 10.02 14.94
CA MET A 261 -12.01 8.69 14.43
C MET A 261 -12.87 8.78 13.20
N SER A 262 -13.86 9.68 13.25
CA SER A 262 -14.75 9.99 12.11
C SER A 262 -14.00 10.00 10.77
N THR A 263 -12.90 10.76 10.74
CA THR A 263 -12.01 10.86 9.58
C THR A 263 -11.40 9.54 9.19
N LEU A 264 -10.77 8.89 10.18
CA LEU A 264 -10.14 7.61 9.97
C LEU A 264 -11.09 6.49 9.57
N LEU A 265 -12.40 6.65 9.86
CA LEU A 265 -13.38 5.62 9.48
C LEU A 265 -14.14 6.00 8.27
N ARG A 266 -13.80 7.13 7.66
CA ARG A 266 -14.51 7.62 6.49
C ARG A 266 -14.37 6.62 5.38
N MET A 267 -15.47 6.29 4.73
CA MET A 267 -15.55 5.33 3.60
C MET A 267 -15.34 6.08 2.25
N ILE A 268 -15.10 5.37 1.14
CA ILE A 268 -14.87 6.03 -0.17
C ILE A 268 -16.21 6.48 -0.79
N PRO A 269 -16.26 7.72 -1.29
CA PRO A 269 -17.43 8.17 -2.06
C PRO A 269 -17.79 7.40 -3.35
N THR A 270 -18.96 7.71 -3.87
CA THR A 270 -19.32 7.37 -5.24
C THR A 270 -18.87 8.50 -6.14
N MET A 271 -19.23 9.73 -5.75
CA MET A 271 -18.84 10.92 -6.51
C MET A 271 -17.48 11.37 -6.01
N ALA A 272 -16.54 11.48 -6.94
CA ALA A 272 -15.19 12.01 -6.68
C ALA A 272 -15.12 13.11 -5.64
N GLU A 273 -13.95 13.28 -5.04
CA GLU A 273 -13.75 14.19 -3.90
C GLU A 273 -12.42 13.88 -3.27
N ASP A 274 -11.63 14.91 -2.93
CA ASP A 274 -10.29 14.73 -2.35
C ASP A 274 -10.29 14.96 -0.82
N LYS A 275 -11.27 14.35 -0.13
CA LYS A 275 -11.39 14.56 1.33
C LYS A 275 -10.45 13.62 2.14
N GLU A 276 -9.91 14.15 3.23
CA GLU A 276 -9.02 13.41 4.13
C GLU A 276 -9.61 12.13 4.68
N ARG A 277 -9.05 11.00 4.27
CA ARG A 277 -9.52 9.68 4.63
C ARG A 277 -8.40 8.63 4.35
N VAL A 278 -8.61 7.38 4.79
CA VAL A 278 -7.63 6.33 4.68
C VAL A 278 -8.01 5.46 3.53
N SER A 279 -7.05 5.16 2.66
CA SER A 279 -7.33 4.52 1.40
C SER A 279 -7.72 3.08 1.65
N THR A 280 -8.43 2.53 0.68
CA THR A 280 -8.98 1.17 0.77
C THR A 280 -7.86 0.09 0.85
N GLY A 281 -6.77 0.29 0.11
CA GLY A 281 -5.64 -0.64 0.15
C GLY A 281 -4.92 -0.61 1.49
N THR A 282 -4.66 0.57 2.00
CA THR A 282 -4.16 0.65 3.35
C THR A 282 -5.03 -0.18 4.32
N LYS A 283 -6.36 -0.14 4.17
CA LYS A 283 -7.22 -0.93 5.05
C LYS A 283 -6.91 -2.41 4.94
N PHE A 284 -6.79 -2.90 3.70
CA PHE A 284 -6.31 -4.29 3.41
C PHE A 284 -4.97 -4.57 4.08
N ALA A 285 -4.01 -3.66 3.97
CA ALA A 285 -2.69 -3.83 4.54
C ALA A 285 -2.74 -3.94 6.07
N LEU A 286 -3.51 -3.06 6.70
CA LEU A 286 -3.64 -3.01 8.13
C LEU A 286 -4.36 -4.24 8.66
N LYS A 287 -5.30 -4.76 7.88
CA LYS A 287 -5.98 -6.00 8.22
C LYS A 287 -4.93 -7.10 8.25
N LEU A 288 -4.10 -7.11 7.22
CA LEU A 288 -3.03 -8.10 7.09
C LEU A 288 -2.03 -8.04 8.26
N TRP A 289 -1.59 -6.84 8.61
CA TRP A 289 -0.72 -6.62 9.75
C TRP A 289 -1.29 -7.22 11.04
N LEU A 290 -2.58 -7.08 11.27
CA LEU A 290 -3.22 -7.64 12.45
C LEU A 290 -3.26 -9.18 12.39
N GLN A 291 -3.48 -9.73 11.21
CA GLN A 291 -3.42 -11.19 11.03
C GLN A 291 -2.04 -11.68 11.45
N HIS A 292 -1.02 -10.92 11.07
CA HIS A 292 0.37 -11.20 11.41
C HIS A 292 0.58 -11.27 12.89
N LEU A 293 0.07 -10.27 13.62
CA LEU A 293 0.27 -10.20 15.09
C LEU A 293 -0.30 -11.38 15.89
#